data_3ZQX
#
_entry.id   3ZQX
#
_cell.length_a   50.036
_cell.length_b   50.036
_cell.length_c   122.595
_cell.angle_alpha   90.00
_cell.angle_beta   90.00
_cell.angle_gamma   90.00
#
_symmetry.space_group_name_H-M   'P 41 21 2'
#
loop_
_entity.id
_entity.type
_entity.pdbx_description
1 polymer 'CELLULOSE 1,4-BETA-CELLOBIOSIDASE'
2 non-polymer 'CALCIUM ION'
3 water water
#
_entity_poly.entity_id   1
_entity_poly.type   'polypeptide(L)'
_entity_poly.pdbx_seq_one_letter_code
;MDVKVQYLCENTQTSTQEIKGKFNIVNTGNRDYSLKDIVLRYYFTKEHNSQLQFICYYTPIGSGNLIPSFGGSGDEHYLQ
LEFKDVKLPAGGQTGEIQFVIRYADWSFHDQSNDYSFDPTIKAFQDYGKVTLYKNGELVWGTPPGG
;
_entity_poly.pdbx_strand_id   A
#
loop_
_chem_comp.id
_chem_comp.type
_chem_comp.name
_chem_comp.formula
CA non-polymer 'CALCIUM ION' 'Ca 2'
#
# COMPACT_ATOMS: atom_id res chain seq x y z
N MET A 1 7.02 1.23 -17.82
CA MET A 1 7.49 0.06 -18.56
C MET A 1 7.52 -1.18 -17.65
N ASP A 2 6.92 -1.06 -16.47
CA ASP A 2 6.88 -2.14 -15.52
C ASP A 2 5.63 -1.91 -14.64
N VAL A 3 5.51 -2.63 -13.54
CA VAL A 3 4.38 -2.40 -12.65
C VAL A 3 4.42 -1.02 -11.98
N LYS A 4 3.23 -0.45 -11.76
CA LYS A 4 3.08 0.81 -11.06
C LYS A 4 1.92 0.73 -10.08
N VAL A 5 1.84 1.71 -9.17
CA VAL A 5 0.74 1.80 -8.21
C VAL A 5 -0.07 3.04 -8.45
N GLN A 6 -1.38 2.87 -8.41
CA GLN A 6 -2.31 3.98 -8.27
C GLN A 6 -2.90 3.95 -6.88
N TYR A 7 -3.25 5.14 -6.37
CA TYR A 7 -3.74 5.31 -5.02
C TYR A 7 -4.90 6.27 -5.01
N LEU A 8 -5.78 6.08 -4.04
CA LEU A 8 -6.71 7.13 -3.63
C LEU A 8 -6.90 7.03 -2.12
N CYS A 9 -7.25 8.16 -1.53
CA CYS A 9 -7.44 8.28 -0.09
C CYS A 9 -8.93 8.36 0.22
N GLU A 10 -9.37 7.56 1.18
CA GLU A 10 -10.74 7.59 1.68
CA GLU A 10 -10.75 7.62 1.67
C GLU A 10 -10.85 8.39 2.98
N ASN A 11 -10.10 7.98 4.00
CA ASN A 11 -10.14 8.73 5.25
C ASN A 11 -9.11 9.83 5.24
N THR A 12 -9.62 11.06 5.16
CA THR A 12 -8.78 12.25 5.01
C THR A 12 -8.50 12.99 6.30
N GLN A 13 -9.09 12.55 7.41
CA GLN A 13 -8.93 13.25 8.68
C GLN A 13 -7.53 13.00 9.24
N THR A 14 -6.87 14.03 9.75
N THR A 14 -6.89 14.06 9.71
CA THR A 14 -5.52 13.79 10.26
CA THR A 14 -5.58 13.97 10.34
C THR A 14 -5.50 12.99 11.56
C THR A 14 -5.61 12.91 11.45
N SER A 15 -6.58 13.06 12.34
CA SER A 15 -6.71 12.18 13.48
C SER A 15 -7.80 11.16 13.20
N THR A 16 -7.43 9.89 13.12
CA THR A 16 -8.40 8.84 12.83
C THR A 16 -7.91 7.52 13.37
N GLN A 17 -8.83 6.64 13.70
CA GLN A 17 -8.47 5.29 14.08
C GLN A 17 -8.16 4.40 12.89
N GLU A 18 -8.51 4.83 11.68
CA GLU A 18 -8.28 4.02 10.50
C GLU A 18 -7.65 4.82 9.37
N ILE A 19 -6.41 4.49 9.02
CA ILE A 19 -5.90 4.90 7.72
C ILE A 19 -6.71 4.10 6.71
N LYS A 20 -7.24 4.75 5.66
CA LYS A 20 -8.08 4.05 4.72
C LYS A 20 -7.94 4.62 3.32
N GLY A 21 -7.76 3.75 2.35
CA GLY A 21 -7.67 4.16 0.96
C GLY A 21 -7.73 2.96 0.07
N LYS A 22 -7.30 3.11 -1.17
CA LYS A 22 -7.23 1.99 -2.09
C LYS A 22 -5.95 2.07 -2.89
N PHE A 23 -5.46 0.89 -3.27
CA PHE A 23 -4.36 0.76 -4.22
C PHE A 23 -4.86 0.07 -5.49
N ASN A 24 -4.13 0.25 -6.58
CA ASN A 24 -4.32 -0.55 -7.77
C ASN A 24 -2.95 -0.78 -8.36
N ILE A 25 -2.58 -2.04 -8.58
CA ILE A 25 -1.29 -2.34 -9.19
C ILE A 25 -1.51 -2.64 -10.66
N VAL A 26 -0.86 -1.86 -11.52
CA VAL A 26 -1.08 -1.95 -12.97
C VAL A 26 0.21 -2.41 -13.62
N ASN A 27 0.15 -3.46 -14.44
CA ASN A 27 1.34 -3.93 -15.12
C ASN A 27 1.37 -3.29 -16.48
N THR A 28 2.23 -2.29 -16.64
CA THR A 28 2.29 -1.50 -17.86
C THR A 28 3.37 -2.01 -18.80
N GLY A 29 4.09 -3.04 -18.37
CA GLY A 29 5.18 -3.59 -19.15
C GLY A 29 4.76 -4.76 -20.01
N ASN A 30 5.73 -5.39 -20.64
CA ASN A 30 5.47 -6.51 -21.54
C ASN A 30 5.66 -7.90 -20.93
N ARG A 31 5.92 -7.96 -19.63
CA ARG A 31 6.18 -9.21 -18.94
C ARG A 31 5.03 -9.57 -17.98
N ASP A 32 4.49 -10.77 -18.09
CA ASP A 32 3.58 -11.25 -17.06
C ASP A 32 4.38 -11.52 -15.79
N TYR A 33 3.73 -11.38 -14.64
CA TYR A 33 4.35 -11.71 -13.37
C TYR A 33 3.44 -12.56 -12.51
N SER A 34 4.03 -13.17 -11.48
CA SER A 34 3.25 -13.54 -10.31
C SER A 34 3.37 -12.45 -9.26
N LEU A 35 2.25 -12.07 -8.67
CA LEU A 35 2.27 -11.13 -7.58
C LEU A 35 3.08 -11.64 -6.39
N LYS A 36 3.36 -12.93 -6.31
CA LYS A 36 4.18 -13.43 -5.23
C LYS A 36 5.57 -12.78 -5.25
N ASP A 37 5.97 -12.25 -6.40
CA ASP A 37 7.28 -11.63 -6.57
C ASP A 37 7.29 -10.12 -6.35
N ILE A 38 6.14 -9.54 -6.00
CA ILE A 38 6.01 -8.09 -5.87
C ILE A 38 5.74 -7.68 -4.43
N VAL A 39 6.44 -6.65 -3.97
CA VAL A 39 6.28 -6.10 -2.63
C VAL A 39 5.81 -4.66 -2.75
N LEU A 40 4.72 -4.32 -2.08
CA LEU A 40 4.20 -2.95 -2.03
C LEU A 40 4.43 -2.37 -0.64
N ARG A 41 4.82 -1.09 -0.56
CA ARG A 41 4.95 -0.43 0.74
C ARG A 41 4.25 0.92 0.78
N TYR A 42 3.45 1.10 1.83
CA TYR A 42 2.79 2.36 2.16
C TYR A 42 3.40 2.88 3.46
N TYR A 43 4.02 4.04 3.37
CA TYR A 43 4.84 4.57 4.47
C TYR A 43 4.03 5.45 5.41
N PHE A 44 4.11 5.12 6.71
CA PHE A 44 3.44 5.91 7.71
C PHE A 44 4.18 5.76 9.02
N THR A 45 4.08 6.78 9.85
CA THR A 45 4.71 6.77 11.16
C THR A 45 3.72 6.27 12.19
N LYS A 46 4.15 5.30 13.00
CA LYS A 46 3.28 4.77 14.03
C LYS A 46 3.38 5.58 15.32
N GLU A 47 2.23 6.02 15.83
CA GLU A 47 2.15 6.80 17.05
C GLU A 47 2.00 5.95 18.32
N HIS A 48 1.71 4.67 18.17
CA HIS A 48 1.46 3.82 19.34
C HIS A 48 2.12 2.47 19.21
N ASN A 49 2.29 1.79 20.33
CA ASN A 49 2.90 0.46 20.34
C ASN A 49 1.90 -0.70 20.27
N SER A 50 0.62 -0.39 20.27
CA SER A 50 -0.40 -1.43 20.14
C SER A 50 -0.20 -2.13 18.79
N GLN A 51 -0.63 -3.38 18.73
CA GLN A 51 -0.55 -4.14 17.49
C GLN A 51 -1.22 -3.38 16.34
N LEU A 52 -0.51 -3.27 15.24
CA LEU A 52 -1.05 -2.74 14.00
C LEU A 52 -1.69 -3.87 13.22
N GLN A 53 -2.84 -3.57 12.60
CA GLN A 53 -3.60 -4.55 11.83
C GLN A 53 -3.95 -3.98 10.47
N PHE A 54 -3.84 -4.83 9.45
CA PHE A 54 -4.29 -4.52 8.11
C PHE A 54 -5.60 -5.26 7.84
N ILE A 55 -6.56 -4.59 7.20
CA ILE A 55 -7.77 -5.24 6.77
C ILE A 55 -8.14 -4.78 5.37
N CYS A 56 -8.45 -5.74 4.50
CA CYS A 56 -8.93 -5.47 3.15
C CYS A 56 -10.37 -5.97 3.01
N TYR A 57 -11.31 -5.05 2.87
CA TYR A 57 -12.72 -5.44 2.76
C TYR A 57 -13.08 -5.93 1.37
N TYR A 58 -12.37 -5.48 0.34
CA TYR A 58 -12.56 -6.05 -0.98
C TYR A 58 -11.34 -5.90 -1.87
N THR A 59 -11.01 -6.94 -2.62
CA THR A 59 -10.18 -6.79 -3.81
C THR A 59 -10.55 -7.88 -4.81
N PRO A 60 -10.49 -7.60 -6.12
CA PRO A 60 -10.82 -8.67 -7.08
C PRO A 60 -9.87 -9.88 -7.04
N ILE A 61 -8.65 -9.70 -6.55
CA ILE A 61 -7.69 -10.80 -6.53
C ILE A 61 -7.91 -11.72 -5.32
N GLY A 62 -8.83 -11.28 -4.46
CA GLY A 62 -9.29 -11.93 -3.25
C GLY A 62 -8.44 -11.47 -2.07
N SER A 63 -9.07 -11.21 -0.94
CA SER A 63 -8.35 -10.62 0.18
C SER A 63 -7.48 -11.68 0.82
N GLY A 64 -7.87 -12.95 0.67
CA GLY A 64 -7.09 -14.05 1.19
C GLY A 64 -5.77 -14.27 0.48
N ASN A 65 -5.60 -13.61 -0.66
CA ASN A 65 -4.34 -13.69 -1.39
C ASN A 65 -3.36 -12.59 -1.02
N LEU A 66 -3.74 -11.74 -0.06
CA LEU A 66 -2.86 -10.70 0.45
C LEU A 66 -2.10 -11.21 1.66
N ILE A 67 -0.85 -10.79 1.77
CA ILE A 67 0.01 -11.17 2.89
C ILE A 67 0.55 -9.87 3.49
N PRO A 68 -0.17 -9.28 4.46
CA PRO A 68 0.27 -8.02 5.05
C PRO A 68 1.31 -8.19 6.14
N SER A 69 2.16 -7.17 6.29
CA SER A 69 3.08 -7.09 7.41
C SER A 69 3.42 -5.63 7.63
N PHE A 70 4.18 -5.36 8.68
CA PHE A 70 4.67 -4.03 8.98
C PHE A 70 6.17 -4.10 9.13
N GLY A 71 6.86 -3.08 8.65
CA GLY A 71 8.31 -3.07 8.71
C GLY A 71 8.87 -1.68 8.83
N GLY A 72 10.18 -1.62 8.96
CA GLY A 72 10.88 -0.38 9.18
C GLY A 72 10.62 0.18 10.56
N SER A 73 11.12 1.39 10.79
CA SER A 73 10.94 2.08 12.06
C SER A 73 11.08 3.58 11.82
N GLY A 74 10.53 4.37 12.72
CA GLY A 74 10.64 5.81 12.60
C GLY A 74 10.10 6.30 11.27
N ASP A 75 10.86 7.15 10.60
CA ASP A 75 10.42 7.73 9.34
C ASP A 75 10.49 6.75 8.18
N GLU A 76 11.03 5.57 8.42
CA GLU A 76 11.13 4.51 7.43
C GLU A 76 10.02 3.47 7.56
N HIS A 77 9.09 3.66 8.49
CA HIS A 77 8.08 2.65 8.82
C HIS A 77 7.03 2.52 7.72
N TYR A 78 6.48 1.31 7.55
CA TYR A 78 5.48 1.05 6.52
C TYR A 78 4.59 -0.13 6.81
N LEU A 79 3.43 -0.11 6.16
CA LEU A 79 2.68 -1.30 5.80
C LEU A 79 3.33 -1.91 4.56
N GLN A 80 3.55 -3.23 4.61
CA GLN A 80 4.00 -3.98 3.45
C GLN A 80 2.91 -4.94 3.02
N LEU A 81 2.63 -4.97 1.72
CA LEU A 81 1.79 -5.99 1.14
CA LEU A 81 1.81 -6.02 1.15
C LEU A 81 2.61 -6.90 0.26
N GLU A 82 2.55 -8.19 0.56
CA GLU A 82 3.01 -9.24 -0.32
C GLU A 82 1.78 -10.03 -0.74
N PHE A 83 1.98 -11.03 -1.58
CA PHE A 83 0.88 -11.72 -2.24
C PHE A 83 1.18 -13.18 -2.38
N LYS A 84 0.12 -13.99 -2.42
CA LYS A 84 0.23 -15.37 -2.85
C LYS A 84 0.41 -15.41 -4.36
N ASP A 85 0.44 -16.60 -4.95
CA ASP A 85 0.86 -16.69 -6.34
C ASP A 85 -0.41 -16.50 -7.16
N VAL A 86 -0.58 -15.24 -7.54
CA VAL A 86 -1.70 -14.76 -8.34
C VAL A 86 -1.04 -14.11 -9.53
N LYS A 87 -1.39 -14.57 -10.71
CA LYS A 87 -0.76 -14.07 -11.92
C LYS A 87 -1.34 -12.71 -12.28
N LEU A 88 -0.44 -11.81 -12.69
CA LEU A 88 -0.75 -10.46 -13.11
C LEU A 88 -0.18 -10.27 -14.52
N PRO A 89 -1.00 -10.44 -15.55
CA PRO A 89 -0.45 -10.40 -16.91
C PRO A 89 -0.01 -9.00 -17.34
N ALA A 90 0.89 -8.97 -18.31
CA ALA A 90 1.26 -7.74 -18.99
C ALA A 90 -0.01 -7.05 -19.46
N GLY A 91 -0.10 -5.76 -19.17
CA GLY A 91 -1.25 -4.96 -19.54
C GLY A 91 -2.41 -5.04 -18.56
N GLY A 92 -2.33 -5.96 -17.60
CA GLY A 92 -3.41 -6.16 -16.66
C GLY A 92 -3.26 -5.35 -15.39
N GLN A 93 -4.23 -5.49 -14.49
CA GLN A 93 -4.17 -4.79 -13.23
C GLN A 93 -4.85 -5.63 -12.17
N THR A 94 -4.54 -5.36 -10.90
CA THR A 94 -5.22 -6.02 -9.81
C THR A 94 -6.67 -5.56 -9.68
N GLY A 95 -6.94 -4.33 -10.08
CA GLY A 95 -8.14 -3.66 -9.63
C GLY A 95 -7.96 -3.20 -8.20
N GLU A 96 -9.00 -2.58 -7.65
CA GLU A 96 -8.87 -1.99 -6.34
C GLU A 96 -8.42 -2.97 -5.26
N ILE A 97 -7.47 -2.53 -4.46
CA ILE A 97 -7.14 -3.23 -3.23
C ILE A 97 -7.51 -2.25 -2.11
N GLN A 98 -8.62 -2.50 -1.44
CA GLN A 98 -9.00 -1.64 -0.35
C GLN A 98 -8.05 -1.88 0.81
N PHE A 99 -7.71 -0.83 1.54
CA PHE A 99 -6.90 -1.03 2.73
C PHE A 99 -7.35 -0.18 3.89
N VAL A 100 -7.30 -0.79 5.07
CA VAL A 100 -7.45 -0.11 6.34
C VAL A 100 -6.27 -0.54 7.21
N ILE A 101 -5.67 0.43 7.90
CA ILE A 101 -4.66 0.15 8.91
C ILE A 101 -5.18 0.70 10.23
N ARG A 102 -5.29 -0.16 11.22
CA ARG A 102 -5.80 0.24 12.52
C ARG A 102 -5.00 -0.42 13.62
N TYR A 103 -5.22 0.02 14.86
CA TYR A 103 -4.62 -0.61 16.02
C TYR A 103 -5.59 -1.60 16.69
N ALA A 104 -5.04 -2.68 17.24
CA ALA A 104 -5.86 -3.64 17.99
C ALA A 104 -6.64 -2.97 19.10
N ASP A 105 -6.08 -1.94 19.72
CA ASP A 105 -6.76 -1.22 20.79
C ASP A 105 -7.53 0.02 20.31
N TRP A 106 -7.61 0.20 19.00
CA TRP A 106 -8.40 1.29 18.42
C TRP A 106 -7.86 2.68 18.80
N SER A 107 -6.55 2.77 18.99
CA SER A 107 -5.88 4.04 19.17
C SER A 107 -5.95 4.90 17.90
N PHE A 108 -5.73 6.19 18.08
CA PHE A 108 -5.76 7.14 16.96
C PHE A 108 -4.41 7.31 16.28
N HIS A 109 -4.40 7.23 14.96
CA HIS A 109 -3.29 7.69 14.15
C HIS A 109 -3.25 9.20 14.06
N ASP A 110 -2.06 9.73 13.80
CA ASP A 110 -1.89 11.06 13.23
C ASP A 110 -1.40 10.84 11.81
N GLN A 111 -2.23 11.15 10.82
CA GLN A 111 -1.83 10.92 9.44
C GLN A 111 -0.97 12.03 8.88
N SER A 112 -0.91 13.17 9.56
CA SER A 112 -0.22 14.33 9.00
C SER A 112 1.28 14.16 8.87
N ASN A 113 1.81 13.19 9.61
CA ASN A 113 3.21 12.86 9.56
C ASN A 113 3.50 11.52 8.87
N ASP A 114 2.61 11.15 7.94
CA ASP A 114 2.75 9.91 7.19
C ASP A 114 3.15 10.23 5.74
N TYR A 115 4.30 9.72 5.33
CA TYR A 115 4.84 10.01 4.01
C TYR A 115 3.88 9.70 2.87
N SER A 116 3.18 8.57 2.95
CA SER A 116 2.33 8.14 1.83
C SER A 116 0.91 8.70 1.86
N PHE A 117 0.55 9.45 2.89
CA PHE A 117 -0.80 10.01 3.00
C PHE A 117 -0.97 11.21 2.09
N ASP A 118 -1.97 11.21 1.21
CA ASP A 118 -2.33 12.38 0.42
C ASP A 118 -3.83 12.54 0.32
N PRO A 119 -4.44 13.29 1.23
CA PRO A 119 -5.89 13.41 1.28
C PRO A 119 -6.49 14.14 0.07
N THR A 120 -5.65 14.80 -0.73
CA THR A 120 -6.16 15.48 -1.91
C THR A 120 -6.44 14.53 -3.07
N ILE A 121 -6.02 13.27 -2.97
CA ILE A 121 -6.22 12.35 -4.08
C ILE A 121 -7.44 11.50 -3.76
N LYS A 122 -8.56 11.83 -4.39
CA LYS A 122 -9.82 11.12 -4.15
C LYS A 122 -10.24 10.16 -5.23
N ALA A 123 -9.51 10.18 -6.35
CA ALA A 123 -9.73 9.28 -7.48
C ALA A 123 -8.38 8.68 -7.80
N PHE A 124 -8.39 7.46 -8.33
CA PHE A 124 -7.13 6.79 -8.59
C PHE A 124 -6.22 7.64 -9.46
N GLN A 125 -4.97 7.77 -9.02
CA GLN A 125 -3.93 8.32 -9.87
C GLN A 125 -2.62 7.60 -9.61
N ASP A 126 -1.80 7.53 -10.64
CA ASP A 126 -0.45 6.99 -10.50
C ASP A 126 0.21 7.75 -9.36
N TYR A 127 0.80 7.02 -8.43
CA TYR A 127 1.24 7.64 -7.19
C TYR A 127 2.61 7.17 -6.79
N GLY A 128 3.56 8.08 -6.74
CA GLY A 128 4.95 7.73 -6.50
C GLY A 128 5.35 7.58 -5.05
N LYS A 129 4.44 7.85 -4.12
CA LYS A 129 4.79 7.72 -2.70
C LYS A 129 4.43 6.38 -2.08
N VAL A 130 3.91 5.47 -2.91
CA VAL A 130 3.76 4.06 -2.55
C VAL A 130 4.69 3.32 -3.48
N THR A 131 5.56 2.48 -2.93
CA THR A 131 6.61 1.84 -3.70
C THR A 131 6.28 0.39 -4.05
N LEU A 132 6.85 -0.05 -5.16
CA LEU A 132 6.91 -1.47 -5.49
C LEU A 132 8.34 -1.93 -5.63
N TYR A 133 8.62 -3.11 -5.10
CA TYR A 133 9.90 -3.80 -5.25
C TYR A 133 9.67 -5.13 -5.93
N LYS A 134 10.61 -5.50 -6.79
CA LYS A 134 10.58 -6.77 -7.47
C LYS A 134 12.01 -7.15 -7.81
N ASN A 135 12.36 -8.42 -7.69
CA ASN A 135 13.70 -8.87 -7.98
C ASN A 135 14.76 -8.08 -7.22
N GLY A 136 14.44 -7.70 -5.99
CA GLY A 136 15.39 -7.01 -5.12
C GLY A 136 15.64 -5.56 -5.51
N GLU A 137 14.81 -5.04 -6.41
N GLU A 137 14.80 -5.03 -6.39
CA GLU A 137 14.99 -3.70 -6.94
CA GLU A 137 15.00 -3.70 -6.94
C GLU A 137 13.76 -2.85 -6.68
C GLU A 137 13.76 -2.85 -6.75
N LEU A 138 13.95 -1.55 -6.51
CA LEU A 138 12.84 -0.62 -6.47
C LEU A 138 12.42 -0.42 -7.91
N VAL A 139 11.19 -0.82 -8.24
CA VAL A 139 10.70 -0.62 -9.59
C VAL A 139 9.66 0.47 -9.80
N TRP A 140 9.06 0.96 -8.72
CA TRP A 140 8.08 2.02 -8.81
C TRP A 140 8.13 2.87 -7.56
N GLY A 141 8.04 4.17 -7.75
CA GLY A 141 7.92 5.06 -6.61
C GLY A 141 9.23 5.43 -5.96
N THR A 142 9.10 6.33 -4.99
CA THR A 142 10.21 6.83 -4.19
C THR A 142 9.96 6.61 -2.71
N PRO A 143 10.80 5.82 -2.02
CA PRO A 143 10.63 5.67 -0.57
C PRO A 143 11.10 6.92 0.16
N PRO A 144 10.77 7.03 1.46
CA PRO A 144 11.26 8.18 2.24
C PRO A 144 12.77 8.33 2.11
N GLY A 145 13.24 9.54 1.81
CA GLY A 145 14.67 9.79 1.65
C GLY A 145 15.27 9.22 0.38
N GLY A 146 14.47 8.45 -0.36
CA GLY A 146 14.95 7.83 -1.58
C GLY A 146 15.09 8.81 -2.71
CA CA B . 1.60 8.90 11.83
#